data_3ZVY
#
_entry.id   3ZVY
#
_cell.length_a   42.300
_cell.length_b   42.300
_cell.length_c   182.700
_cell.angle_alpha   90.00
_cell.angle_beta   90.00
_cell.angle_gamma   90.00
#
_symmetry.space_group_name_H-M   'P 43 21 2'
#
loop_
_entity.id
_entity.type
_entity.pdbx_description
1 polymer 'E3 UBIQUITIN-PROTEIN LIGASE UHRF1'
2 polymer 'HISTONE H3.1'
3 non-polymer 'ZINC ION'
4 non-polymer 2-AMINO-2-HYDROXYMETHYL-PROPANE-1,3-DIOL
5 non-polymer 'CHLORIDE ION'
6 water water
#
loop_
_entity_poly.entity_id
_entity_poly.type
_entity_poly.pdbx_seq_one_letter_code
_entity_poly.pdbx_strand_id
1 'polypeptide(L)' RKSGPSCKHCKDDVNRLCRVCACHLCGGRQDPDKQLMCDECDMAFHIYCLDPPLSSVPSEDEWYCPECRNDA A,B
2 'polypeptide(L)' ARTKQTAR C,D
#
# COMPACT_ATOMS: atom_id res chain seq x y z
N PRO A 5 22.03 7.79 7.77
CA PRO A 5 20.69 7.19 7.81
C PRO A 5 20.75 5.68 7.90
N SER A 6 19.63 5.04 8.20
CA SER A 6 19.60 3.59 8.35
C SER A 6 19.58 2.88 6.99
N CYS A 7 18.85 3.43 6.02
CA CYS A 7 18.86 2.86 4.67
C CYS A 7 19.57 3.79 3.68
N LYS A 8 20.61 3.28 3.04
CA LYS A 8 21.41 4.08 2.13
C LYS A 8 20.68 4.40 0.81
N HIS A 9 19.67 3.59 0.48
N HIS A 9 19.65 3.60 0.50
CA HIS A 9 18.92 3.80 -0.75
CA HIS A 9 18.94 3.78 -0.76
C HIS A 9 18.03 5.04 -0.64
C HIS A 9 17.93 4.94 -0.70
N CYS A 10 17.27 5.12 0.46
N CYS A 10 17.29 5.13 0.46
CA CYS A 10 16.29 6.19 0.63
C CYS A 10 16.66 7.21 1.72
N LYS A 11 17.77 6.97 2.42
CA LYS A 11 18.22 7.89 3.48
C LYS A 11 17.10 8.13 4.49
N ASP A 12 16.19 7.15 4.59
CA ASP A 12 15.04 7.16 5.50
C ASP A 12 14.06 8.33 5.31
N ASP A 13 13.95 8.85 4.10
CA ASP A 13 12.97 9.89 3.82
C ASP A 13 11.57 9.28 3.73
N VAL A 14 10.75 9.49 4.76
CA VAL A 14 9.43 8.86 4.83
C VAL A 14 8.49 9.30 3.70
N ASN A 15 8.80 10.42 3.06
CA ASN A 15 8.03 10.87 1.91
C ASN A 15 8.38 10.15 0.61
N ARG A 16 9.31 9.22 0.67
CA ARG A 16 9.77 8.54 -0.54
C ARG A 16 9.57 7.02 -0.44
N LEU A 17 9.21 6.40 -1.56
CA LEU A 17 9.10 4.93 -1.64
C LEU A 17 10.47 4.30 -1.53
N CYS A 18 10.56 3.12 -0.93
CA CYS A 18 11.82 2.38 -0.97
C CYS A 18 11.57 0.90 -0.96
N ARG A 19 11.89 0.25 -2.07
CA ARG A 19 11.68 -1.18 -2.17
C ARG A 19 12.80 -1.95 -1.48
N VAL A 20 13.75 -1.22 -0.91
CA VAL A 20 14.82 -1.88 -0.19
C VAL A 20 14.48 -2.06 1.28
N CYS A 21 14.02 -0.99 1.93
CA CYS A 21 13.76 -1.04 3.37
C CYS A 21 12.27 -0.99 3.72
N ALA A 22 11.43 -0.85 2.71
CA ALA A 22 9.99 -0.93 2.94
C ALA A 22 9.43 -2.06 2.06
N CYS A 23 8.16 -1.99 1.67
CA CYS A 23 7.61 -3.11 0.92
C CYS A 23 8.36 -3.25 -0.38
N HIS A 24 8.85 -4.45 -0.64
CA HIS A 24 9.70 -4.70 -1.79
C HIS A 24 8.92 -4.60 -3.08
N LEU A 25 7.61 -4.72 -2.98
CA LEU A 25 6.76 -4.64 -4.17
C LEU A 25 6.32 -3.21 -4.49
N CYS A 26 5.77 -2.49 -3.52
CA CYS A 26 5.22 -1.16 -3.78
C CYS A 26 6.06 -0.03 -3.20
N GLY A 27 7.01 -0.38 -2.33
CA GLY A 27 7.89 0.60 -1.72
C GLY A 27 7.29 1.37 -0.55
N GLY A 28 6.07 1.02 -0.16
CA GLY A 28 5.39 1.74 0.90
C GLY A 28 5.75 1.23 2.28
N ARG A 29 5.78 2.14 3.25
CA ARG A 29 6.20 1.83 4.63
C ARG A 29 5.03 1.59 5.57
N GLN A 30 3.83 1.93 5.12
CA GLN A 30 2.64 1.81 5.95
C GLN A 30 2.36 0.34 6.35
N ASP A 31 1.61 0.17 7.44
CA ASP A 31 1.15 -1.14 7.88
C ASP A 31 2.30 -2.12 8.08
N PRO A 32 3.29 -1.75 8.89
CA PRO A 32 4.43 -2.66 9.07
C PRO A 32 3.99 -3.98 9.72
N ASP A 33 2.86 -3.94 10.43
CA ASP A 33 2.26 -5.12 11.04
C ASP A 33 1.71 -6.08 9.99
N LYS A 34 1.60 -5.59 8.75
CA LYS A 34 1.10 -6.42 7.65
C LYS A 34 2.17 -6.66 6.59
N GLN A 35 3.41 -6.32 6.92
CA GLN A 35 4.54 -6.59 6.03
C GLN A 35 5.26 -7.86 6.47
N LEU A 36 5.14 -8.91 5.66
CA LEU A 36 5.84 -10.16 5.93
C LEU A 36 7.32 -10.03 5.59
N MET A 37 8.17 -10.60 6.43
CA MET A 37 9.61 -10.58 6.18
C MET A 37 10.06 -11.94 5.67
N CYS A 38 10.69 -11.97 4.51
CA CYS A 38 11.18 -13.24 3.97
C CYS A 38 12.29 -13.84 4.85
N ASP A 39 12.11 -15.11 5.24
CA ASP A 39 13.09 -15.79 6.08
C ASP A 39 14.40 -16.00 5.33
N GLU A 40 14.38 -15.83 4.02
CA GLU A 40 15.60 -16.00 3.24
C GLU A 40 16.32 -14.70 2.86
N CYS A 41 15.60 -13.74 2.28
CA CYS A 41 16.27 -12.50 1.85
C CYS A 41 15.99 -11.33 2.79
N ASP A 42 15.09 -11.54 3.76
CA ASP A 42 14.71 -10.51 4.74
C ASP A 42 14.12 -9.25 4.12
N MET A 43 13.67 -9.33 2.88
CA MET A 43 12.88 -8.24 2.30
C MET A 43 11.45 -8.27 2.85
N ALA A 44 10.80 -7.12 2.85
CA ALA A 44 9.45 -7.00 3.41
C ALA A 44 8.41 -6.94 2.30
N PHE A 45 7.24 -7.53 2.56
CA PHE A 45 6.17 -7.59 1.58
C PHE A 45 4.82 -7.37 2.26
N HIS A 46 4.07 -6.35 1.87
CA HIS A 46 2.69 -6.23 2.37
C HIS A 46 1.92 -7.45 1.95
N ILE A 47 1.13 -8.01 2.86
CA ILE A 47 0.30 -9.16 2.49
C ILE A 47 -0.58 -8.78 1.29
N TYR A 48 -1.05 -7.54 1.26
CA TYR A 48 -1.95 -7.11 0.18
C TYR A 48 -1.28 -6.82 -1.16
N CYS A 49 0.05 -6.80 -1.20
CA CYS A 49 0.79 -6.61 -2.44
C CYS A 49 1.18 -7.92 -3.09
N LEU A 50 1.10 -9.00 -2.33
CA LEU A 50 1.43 -10.31 -2.88
C LEU A 50 0.43 -10.73 -3.92
N ASP A 51 0.80 -11.71 -4.73
CA ASP A 51 -0.09 -12.24 -5.76
C ASP A 51 -0.12 -13.77 -5.66
N PRO A 52 -1.22 -14.34 -5.15
CA PRO A 52 -2.45 -13.70 -4.68
C PRO A 52 -2.25 -12.98 -3.36
N PRO A 53 -3.02 -11.91 -3.15
CA PRO A 53 -2.93 -11.16 -1.90
C PRO A 53 -3.47 -11.98 -0.74
N LEU A 54 -2.85 -11.82 0.43
CA LEU A 54 -3.28 -12.48 1.65
C LEU A 54 -4.11 -11.51 2.46
N SER A 55 -5.20 -12.01 3.06
CA SER A 55 -6.10 -11.25 3.92
C SER A 55 -5.56 -11.04 5.30
N SER A 56 -4.69 -11.95 5.71
CA SER A 56 -4.06 -11.83 7.00
C SER A 56 -2.72 -12.54 6.95
N VAL A 57 -1.89 -12.28 7.94
CA VAL A 57 -0.57 -12.88 8.05
CA VAL A 57 -0.57 -12.89 8.00
C VAL A 57 -0.70 -14.38 8.29
N PRO A 58 0.24 -15.17 7.76
CA PRO A 58 0.21 -16.60 8.04
C PRO A 58 0.35 -16.81 9.53
N SER A 59 -0.20 -17.89 10.08
CA SER A 59 0.04 -18.15 11.48
C SER A 59 1.26 -19.03 11.67
N GLU A 60 1.69 -19.71 10.60
CA GLU A 60 2.92 -20.50 10.65
C GLU A 60 4.14 -19.59 10.64
N ASP A 61 5.14 -19.94 11.44
CA ASP A 61 6.26 -19.05 11.74
C ASP A 61 7.14 -18.72 10.54
N GLU A 62 7.23 -19.63 9.57
CA GLU A 62 8.20 -19.51 8.49
C GLU A 62 7.59 -19.09 7.15
N TRP A 63 8.13 -18.04 6.54
CA TRP A 63 7.62 -17.53 5.27
C TRP A 63 8.75 -17.17 4.30
N TYR A 64 8.56 -17.49 3.02
CA TYR A 64 9.53 -17.14 2.00
C TYR A 64 8.83 -16.38 0.88
N CYS A 65 9.46 -15.32 0.39
CA CYS A 65 8.84 -14.49 -0.65
C CYS A 65 8.79 -15.17 -2.02
N PRO A 66 8.02 -14.59 -2.96
CA PRO A 66 7.90 -15.12 -4.31
C PRO A 66 9.25 -15.26 -5.00
N GLU A 67 10.22 -14.44 -4.62
CA GLU A 67 11.51 -14.49 -5.29
C GLU A 67 12.35 -15.64 -4.78
N CYS A 68 12.21 -15.95 -3.50
CA CYS A 68 13.08 -16.93 -2.87
C CYS A 68 12.57 -18.37 -2.91
N ARG A 69 11.26 -18.55 -3.03
CA ARG A 69 10.69 -19.91 -3.11
C ARG A 69 11.34 -20.75 -4.20
N PRO B 5 2.64 20.77 -14.18
CA PRO B 5 2.40 19.75 -13.15
C PRO B 5 0.92 19.59 -12.84
N SER B 6 0.39 18.38 -13.02
CA SER B 6 -0.99 18.11 -12.67
C SER B 6 -1.20 18.32 -11.17
N CYS B 7 -0.32 17.72 -10.37
CA CYS B 7 -0.41 17.86 -8.91
C CYS B 7 0.71 18.72 -8.32
N LYS B 8 0.34 19.84 -7.71
CA LYS B 8 1.29 20.77 -7.15
C LYS B 8 1.93 20.24 -5.86
N HIS B 9 1.27 19.29 -5.22
CA HIS B 9 1.74 18.79 -3.93
C HIS B 9 2.97 17.91 -4.13
N CYS B 10 2.92 17.00 -5.09
CA CYS B 10 4.05 16.10 -5.38
C CYS B 10 4.76 16.36 -6.72
N LYS B 11 4.28 17.34 -7.47
CA LYS B 11 4.85 17.65 -8.78
C LYS B 11 4.96 16.39 -9.65
N ASP B 12 4.00 15.49 -9.49
CA ASP B 12 3.91 14.27 -10.30
C ASP B 12 5.17 13.40 -10.23
N ASP B 13 5.89 13.44 -9.12
CA ASP B 13 7.06 12.59 -8.92
C ASP B 13 6.60 11.19 -8.50
N VAL B 14 6.79 10.19 -9.36
CA VAL B 14 6.26 8.84 -9.05
C VAL B 14 6.93 8.16 -7.85
N ASN B 15 8.12 8.63 -7.47
CA ASN B 15 8.80 8.04 -6.33
C ASN B 15 8.46 8.78 -5.04
N ARG B 16 7.52 9.71 -5.15
CA ARG B 16 7.08 10.47 -4.01
C ARG B 16 5.71 9.97 -3.62
N LEU B 17 5.51 9.71 -2.32
CA LEU B 17 4.17 9.44 -1.78
C LEU B 17 3.35 10.71 -1.97
N CYS B 18 2.07 10.54 -2.28
CA CYS B 18 1.18 11.69 -2.32
C CYS B 18 -0.23 11.32 -1.95
N ARG B 19 -0.69 11.86 -0.83
CA ARG B 19 -2.03 11.57 -0.36
C ARG B 19 -3.07 12.43 -1.08
N VAL B 20 -2.60 13.34 -1.93
CA VAL B 20 -3.51 14.20 -2.69
C VAL B 20 -3.93 13.58 -4.01
N CYS B 21 -2.95 13.12 -4.80
CA CYS B 21 -3.26 12.53 -6.09
C CYS B 21 -3.11 11.00 -6.15
N ALA B 22 -2.68 10.39 -5.06
CA ALA B 22 -2.68 8.92 -4.96
C ALA B 22 -3.51 8.51 -3.76
N CYS B 23 -3.27 7.31 -3.24
CA CYS B 23 -4.08 6.84 -2.12
C CYS B 23 -4.03 7.84 -0.99
N HIS B 24 -5.21 8.26 -0.56
CA HIS B 24 -5.32 9.33 0.43
C HIS B 24 -4.83 8.89 1.82
N LEU B 25 -4.76 7.59 2.03
CA LEU B 25 -4.35 7.02 3.32
C LEU B 25 -2.86 6.72 3.35
N CYS B 26 -2.34 6.10 2.29
CA CYS B 26 -0.93 5.73 2.33
C CYS B 26 -0.05 6.53 1.37
N GLY B 27 -0.69 7.24 0.44
CA GLY B 27 0.05 8.02 -0.55
C GLY B 27 0.62 7.20 -1.68
N GLY B 28 0.28 5.92 -1.74
CA GLY B 28 0.85 5.04 -2.76
C GLY B 28 0.08 5.08 -4.06
N ARG B 29 0.78 4.90 -5.19
CA ARG B 29 0.18 4.98 -6.52
C ARG B 29 -0.12 3.62 -7.11
N GLN B 30 0.34 2.56 -6.45
CA GLN B 30 0.21 1.21 -6.99
C GLN B 30 -1.25 0.73 -6.96
N ASP B 31 -1.56 -0.29 -7.74
CA ASP B 31 -2.90 -0.89 -7.74
C ASP B 31 -4.05 0.10 -7.95
N PRO B 32 -4.00 0.88 -9.04
CA PRO B 32 -5.11 1.82 -9.28
C PRO B 32 -6.44 1.08 -9.48
N ASP B 33 -6.36 -0.19 -9.86
CA ASP B 33 -7.54 -1.04 -10.02
C ASP B 33 -8.18 -1.35 -8.65
N LYS B 34 -7.43 -1.10 -7.57
CA LYS B 34 -7.95 -1.34 -6.23
C LYS B 34 -8.09 -0.02 -5.46
N GLN B 35 -8.00 1.10 -6.15
CA GLN B 35 -8.19 2.39 -5.49
C GLN B 35 -9.61 2.87 -5.75
N LEU B 36 -10.42 2.92 -4.70
CA LEU B 36 -11.76 3.46 -4.79
C LEU B 36 -11.74 4.99 -4.83
N MET B 37 -12.53 5.57 -5.74
CA MET B 37 -12.65 7.02 -5.81
C MET B 37 -13.92 7.44 -5.07
N CYS B 38 -13.76 8.35 -4.12
CA CYS B 38 -14.89 8.82 -3.36
C CYS B 38 -15.84 9.62 -4.22
N ASP B 39 -17.11 9.26 -4.17
CA ASP B 39 -18.12 9.92 -4.99
C ASP B 39 -18.43 11.33 -4.50
N GLU B 40 -17.89 11.69 -3.34
CA GLU B 40 -18.01 13.08 -2.87
C GLU B 40 -16.76 13.92 -3.08
N CYS B 41 -15.63 13.52 -2.50
CA CYS B 41 -14.42 14.37 -2.56
C CYS B 41 -13.48 13.97 -3.70
N ASP B 42 -13.70 12.80 -4.28
CA ASP B 42 -12.90 12.30 -5.39
C ASP B 42 -11.47 11.97 -4.99
N MET B 43 -11.22 11.76 -3.70
CA MET B 43 -9.94 11.20 -3.28
C MET B 43 -9.95 9.69 -3.53
N ALA B 44 -8.75 9.10 -3.63
CA ALA B 44 -8.58 7.67 -3.90
C ALA B 44 -8.21 6.95 -2.62
N PHE B 45 -8.63 5.69 -2.51
CA PHE B 45 -8.36 4.89 -1.31
C PHE B 45 -8.14 3.43 -1.72
N HIS B 46 -6.96 2.88 -1.46
CA HIS B 46 -6.78 1.44 -1.68
C HIS B 46 -7.81 0.71 -0.82
N ILE B 47 -8.44 -0.32 -1.37
CA ILE B 47 -9.36 -1.12 -0.54
C ILE B 47 -8.64 -1.69 0.66
N TYR B 48 -7.36 -2.01 0.51
CA TYR B 48 -6.62 -2.60 1.60
C TYR B 48 -6.07 -1.59 2.63
N CYS B 49 -6.25 -0.30 2.36
CA CYS B 49 -5.84 0.74 3.31
C CYS B 49 -7.01 1.19 4.16
N LEU B 50 -8.22 0.90 3.71
CA LEU B 50 -9.41 1.24 4.48
C LEU B 50 -9.42 0.50 5.82
N ASP B 51 -10.20 1.00 6.76
CA ASP B 51 -10.40 0.34 8.06
C ASP B 51 -11.90 0.30 8.35
N PRO B 52 -12.54 -0.87 8.13
CA PRO B 52 -11.88 -2.13 7.80
C PRO B 52 -11.50 -2.19 6.34
N PRO B 53 -10.45 -2.96 6.04
CA PRO B 53 -10.03 -3.16 4.66
C PRO B 53 -10.94 -4.11 3.92
N LEU B 54 -11.19 -3.82 2.65
CA LEU B 54 -12.07 -4.65 1.83
C LEU B 54 -11.23 -5.62 1.00
N SER B 55 -11.69 -6.87 0.92
CA SER B 55 -11.06 -7.91 0.10
C SER B 55 -11.23 -7.69 -1.36
N SER B 56 -12.28 -6.97 -1.73
CA SER B 56 -12.49 -6.68 -3.13
C SER B 56 -13.24 -5.37 -3.28
N VAL B 57 -13.28 -4.87 -4.50
CA VAL B 57 -13.95 -3.62 -4.81
C VAL B 57 -15.45 -3.82 -4.70
N PRO B 58 -16.14 -2.96 -3.94
CA PRO B 58 -17.59 -3.14 -3.80
C PRO B 58 -18.28 -3.06 -5.15
N SER B 59 -19.36 -3.82 -5.31
CA SER B 59 -20.11 -3.83 -6.57
C SER B 59 -21.12 -2.69 -6.57
N GLU B 60 -21.48 -2.22 -5.38
CA GLU B 60 -22.43 -1.14 -5.27
C GLU B 60 -21.89 0.10 -5.97
N ASP B 61 -22.78 0.85 -6.62
CA ASP B 61 -22.37 1.92 -7.52
C ASP B 61 -21.79 3.13 -6.79
N GLU B 62 -22.48 3.60 -5.75
CA GLU B 62 -21.98 4.75 -5.00
C GLU B 62 -21.05 4.30 -3.88
N TRP B 63 -19.93 5.00 -3.72
CA TRP B 63 -19.04 4.77 -2.60
C TRP B 63 -18.51 6.09 -2.07
N TYR B 64 -18.69 6.32 -0.77
CA TYR B 64 -18.20 7.51 -0.10
C TYR B 64 -17.15 7.09 0.92
N CYS B 65 -16.08 7.87 1.03
CA CYS B 65 -14.96 7.52 1.88
C CYS B 65 -15.26 7.77 3.36
N PRO B 66 -14.39 7.25 4.26
CA PRO B 66 -14.55 7.45 5.71
C PRO B 66 -14.77 8.92 6.08
N GLU B 67 -14.23 9.82 5.27
CA GLU B 67 -14.33 11.25 5.54
C GLU B 67 -15.64 11.87 5.07
N CYS B 68 -16.19 11.39 3.98
CA CYS B 68 -17.36 12.02 3.38
C CYS B 68 -18.69 11.34 3.71
N ARG B 69 -18.62 10.15 4.28
CA ARG B 69 -19.82 9.35 4.55
C ARG B 69 -20.54 9.70 5.85
N ASN B 70 -21.60 8.93 6.15
CA ASN B 70 -22.51 9.18 7.27
C ASN B 70 -23.55 10.23 6.92
N ALA C 1 4.20 -15.64 10.58
CA ALA C 1 5.46 -15.23 9.96
C ALA C 1 5.94 -13.92 10.60
N ARG C 2 7.19 -13.55 10.33
CA ARG C 2 7.73 -12.29 10.83
C ARG C 2 7.09 -11.12 10.10
N THR C 3 6.87 -10.02 10.84
CA THR C 3 6.35 -8.78 10.27
C THR C 3 7.25 -7.62 10.68
N LYS C 4 7.29 -6.55 9.91
CA LYS C 4 8.14 -5.43 10.24
C LYS C 4 7.75 -4.93 11.61
N GLN C 5 6.48 -5.11 11.89
CA GLN C 5 5.74 -4.59 13.01
C GLN C 5 6.55 -3.68 13.90
N ALA D 1 -18.46 0.32 -7.32
CA ALA D 1 -17.75 1.55 -6.99
C ALA D 1 -16.78 1.93 -8.11
N ARG D 2 -16.51 3.22 -8.23
CA ARG D 2 -15.54 3.74 -9.19
C ARG D 2 -14.11 3.52 -8.67
N THR D 3 -13.22 3.03 -9.52
CA THR D 3 -11.81 2.90 -9.17
C THR D 3 -10.96 3.85 -10.02
N LYS D 4 -9.74 4.10 -9.63
CA LYS D 4 -8.87 4.89 -10.46
C LYS D 4 -8.57 4.16 -11.77
N GLN D 5 -8.43 2.85 -11.70
CA GLN D 5 -8.52 1.76 -12.71
C GLN D 5 -7.36 1.32 -13.57
#